data_8C0A
#
_entry.id   8C0A
#
_cell.length_a   45.980
_cell.length_b   56.695
_cell.length_c   60.619
_cell.angle_alpha   89.900
_cell.angle_beta   79.580
_cell.angle_gamma   71.310
#
_symmetry.space_group_name_H-M   'P 1'
#
loop_
_entity.id
_entity.type
_entity.pdbx_description
1 polymer 'Tyrosine-protein kinase JAK2'
2 non-polymer GLYCEROL
3 non-polymer 3,5-diphenyl-2-(trifluoromethyl)-1~{H}-pyrazolo[1,5-a]pyrimidin-7-one
4 water water
#
_entity_poly.entity_id   1
_entity_poly.type   'polypeptide(L)'
_entity_poly.pdbx_seq_one_letter_code
;VFHKIRNEDLIFNESLGQGTFTKIFKGVRREVGDYGQLHETEVLLKVLDKAHRNYSESFFEAASMMSKLSHKHLVLNYGV
CVCGDENILVQEFVKFGSLDTYLKKNKNCINILWKLEVAKQLAAAMHFLEENTLIHGNVCAKNILLISEEDRKTGNPPFI
KLSDPGISITVLPKDILQERIPWVPPECIENPKNLNLATDKWSFGTTLWEICSGGDKPLSALDSQRKLQFYEDRHQLPAP
KAAELANLINNCMDYEPDHRPSFRAIIRDLNSLFTPDLVPRGSHHHHHH
;
_entity_poly.pdbx_strand_id   A,B
#
# COMPACT_ATOMS: atom_id res chain seq x y z
N VAL A 1 7.34 -19.28 1.37
CA VAL A 1 8.41 -20.04 0.70
C VAL A 1 9.16 -19.12 -0.26
N PHE A 2 10.50 -19.22 -0.23
CA PHE A 2 11.33 -18.32 -1.01
C PHE A 2 11.38 -18.75 -2.47
N HIS A 3 11.30 -17.76 -3.35
CA HIS A 3 11.62 -17.97 -4.76
C HIS A 3 13.07 -18.36 -4.91
N LYS A 4 13.29 -19.38 -5.74
CA LYS A 4 14.62 -19.92 -6.01
C LYS A 4 15.23 -19.19 -7.18
N ILE A 5 16.43 -18.66 -6.98
CA ILE A 5 17.16 -17.94 -8.04
C ILE A 5 18.38 -18.77 -8.40
N ARG A 6 18.54 -19.04 -9.69
CA ARG A 6 19.74 -19.84 -10.10
C ARG A 6 21.04 -19.12 -9.83
N ASN A 7 22.05 -19.87 -9.41
CA ASN A 7 23.34 -19.21 -9.33
C ASN A 7 23.87 -18.81 -10.65
N GLU A 8 23.46 -19.47 -11.75
CA GLU A 8 23.89 -19.00 -13.05
C GLU A 8 23.40 -17.58 -13.32
N ASP A 9 22.29 -17.18 -12.73
CA ASP A 9 21.72 -15.87 -12.96
C ASP A 9 22.20 -14.80 -11.92
N LEU A 10 23.20 -15.09 -11.06
CA LEU A 10 23.72 -14.16 -10.05
C LEU A 10 25.21 -14.00 -10.13
N ILE A 11 25.69 -12.76 -10.28
CA ILE A 11 27.11 -12.47 -10.26
C ILE A 11 27.38 -11.75 -8.92
N PHE A 12 28.30 -12.31 -8.10
CA PHE A 12 28.75 -11.66 -6.84
C PHE A 12 29.88 -10.68 -7.12
N ASN A 13 29.68 -9.43 -6.78
CA ASN A 13 30.74 -8.41 -6.92
C ASN A 13 31.20 -7.96 -5.52
N GLU A 14 31.35 -6.66 -5.35
CA GLU A 14 32.19 -6.18 -4.22
C GLU A 14 31.56 -6.51 -2.90
N SER A 15 32.41 -6.85 -1.93
CA SER A 15 31.99 -6.87 -0.51
C SER A 15 31.64 -5.47 0.01
N LEU A 16 30.44 -5.36 0.64
CA LEU A 16 30.01 -4.13 1.24
C LEU A 16 30.23 -4.10 2.77
N GLY A 17 30.32 -5.27 3.41
CA GLY A 17 30.49 -5.26 4.83
C GLY A 17 30.12 -6.61 5.38
N GLN A 18 29.81 -6.62 6.68
CA GLN A 18 29.43 -7.82 7.43
C GLN A 18 28.26 -7.50 8.35
N GLY A 19 27.36 -8.46 8.53
CA GLY A 19 26.49 -8.51 9.64
C GLY A 19 26.90 -9.58 10.61
N THR A 20 26.03 -9.91 11.49
CA THR A 20 26.35 -10.86 12.55
C THR A 20 26.35 -12.21 11.87
N PHE A 21 27.56 -12.76 11.69
CA PHE A 21 27.80 -14.08 11.17
C PHE A 21 27.45 -14.15 9.66
N THR A 22 27.53 -13.00 8.97
CA THR A 22 27.19 -12.96 7.57
C THR A 22 28.15 -12.02 6.87
N LYS A 23 28.25 -12.20 5.55
CA LYS A 23 28.96 -11.27 4.72
C LYS A 23 27.97 -10.71 3.71
N ILE A 24 28.25 -9.49 3.26
CA ILE A 24 27.31 -8.75 2.44
C ILE A 24 28.02 -8.26 1.19
N PHE A 25 27.37 -8.48 0.03
CA PHE A 25 27.91 -8.20 -1.26
C PHE A 25 26.93 -7.51 -2.18
N LYS A 26 27.42 -6.62 -2.99
CA LYS A 26 26.67 -6.18 -4.17
C LYS A 26 26.78 -7.23 -5.26
N GLY A 27 25.71 -7.34 -6.06
CA GLY A 27 25.75 -8.30 -7.17
C GLY A 27 24.73 -7.90 -8.23
N VAL A 28 24.63 -8.72 -9.27
CA VAL A 28 23.76 -8.51 -10.41
C VAL A 28 22.99 -9.81 -10.64
N ARG A 29 21.66 -9.65 -10.81
CA ARG A 29 20.76 -10.76 -11.10
C ARG A 29 20.23 -10.56 -12.52
N ARG A 30 20.50 -11.52 -13.40
CA ARG A 30 19.85 -11.52 -14.70
C ARG A 30 18.48 -12.12 -14.57
N GLU A 31 17.48 -11.40 -15.00
CA GLU A 31 16.13 -11.89 -14.75
C GLU A 31 15.22 -11.55 -15.93
N VAL A 32 14.27 -12.41 -16.15
CA VAL A 32 13.12 -12.04 -16.98
C VAL A 32 12.18 -11.18 -16.13
N GLY A 33 11.96 -9.91 -16.56
CA GLY A 33 11.11 -8.99 -15.86
C GLY A 33 9.86 -8.66 -16.65
N ASP A 34 9.29 -7.49 -16.33
CA ASP A 34 8.00 -7.16 -16.90
C ASP A 34 8.09 -7.24 -18.41
N TYR A 35 7.03 -7.75 -19.00
CA TYR A 35 6.87 -7.93 -20.45
C TYR A 35 7.91 -8.87 -21.03
N GLY A 36 8.50 -9.77 -20.21
CA GLY A 36 9.47 -10.72 -20.73
C GLY A 36 10.81 -10.14 -21.11
N GLN A 37 11.06 -8.92 -20.76
CA GLN A 37 12.29 -8.23 -21.09
C GLN A 37 13.37 -8.74 -20.15
N LEU A 38 14.52 -9.10 -20.68
CA LEU A 38 15.64 -9.52 -19.83
C LEU A 38 16.31 -8.33 -19.22
N HIS A 39 16.50 -8.34 -17.88
CA HIS A 39 17.15 -7.21 -17.22
C HIS A 39 18.33 -7.69 -16.40
N GLU A 40 19.34 -6.78 -16.26
CA GLU A 40 20.43 -6.92 -15.31
C GLU A 40 20.08 -6.08 -14.09
N THR A 41 19.74 -6.71 -12.99
CA THR A 41 19.25 -6.00 -11.82
C THR A 41 20.30 -6.02 -10.71
N GLU A 42 20.61 -4.84 -10.16
CA GLU A 42 21.44 -4.80 -8.93
C GLU A 42 20.75 -5.50 -7.79
N VAL A 43 21.54 -6.32 -7.06
CA VAL A 43 20.99 -7.02 -5.91
C VAL A 43 21.92 -6.92 -4.72
N LEU A 44 21.30 -7.03 -3.53
CA LEU A 44 22.03 -7.11 -2.28
C LEU A 44 22.08 -8.57 -1.85
N LEU A 45 23.28 -9.11 -1.66
CA LEU A 45 23.42 -10.52 -1.37
C LEU A 45 23.94 -10.71 0.03
N LYS A 46 23.32 -11.59 0.79
CA LYS A 46 23.68 -11.76 2.19
C LYS A 46 24.01 -13.22 2.33
N VAL A 47 25.25 -13.50 2.71
CA VAL A 47 25.80 -14.84 2.75
C VAL A 47 26.01 -15.21 4.22
N LEU A 48 25.34 -16.28 4.67
CA LEU A 48 25.65 -16.78 6.01
C LEU A 48 27.02 -17.44 6.08
N ASP A 49 27.77 -17.13 7.12
CA ASP A 49 29.14 -17.67 7.20
C ASP A 49 29.08 -19.19 7.25
N LYS A 50 30.04 -19.87 6.60
CA LYS A 50 29.95 -21.33 6.58
C LYS A 50 30.20 -21.92 7.97
N ALA A 51 30.96 -21.22 8.80
CA ALA A 51 31.15 -21.69 10.16
C ALA A 51 29.92 -21.53 11.05
N HIS A 52 28.88 -20.85 10.59
CA HIS A 52 27.72 -20.58 11.45
C HIS A 52 26.45 -21.13 10.81
N ARG A 53 26.56 -22.26 10.12
CA ARG A 53 25.38 -22.92 9.56
C ARG A 53 24.35 -23.28 10.63
N ASN A 54 24.77 -23.40 11.89
CA ASN A 54 23.88 -23.70 13.00
CA ASN A 54 23.80 -23.77 12.91
C ASN A 54 22.74 -22.70 13.06
N TYR A 55 23.00 -21.45 12.62
CA TYR A 55 22.00 -20.38 12.69
C TYR A 55 21.19 -20.22 11.40
N SER A 56 21.28 -21.18 10.46
CA SER A 56 20.63 -20.99 9.17
C SER A 56 19.13 -20.77 9.31
N GLU A 57 18.46 -21.53 10.17
CA GLU A 57 17.02 -21.37 10.30
C GLU A 57 16.65 -19.94 10.71
N SER A 58 17.39 -19.33 11.65
CA SER A 58 17.03 -18.01 12.11
C SER A 58 17.38 -16.94 11.06
N PHE A 59 18.49 -17.15 10.39
CA PHE A 59 18.95 -16.33 9.29
C PHE A 59 17.87 -16.22 8.24
N PHE A 60 17.27 -17.36 7.86
CA PHE A 60 16.28 -17.31 6.78
C PHE A 60 14.92 -16.81 7.30
N GLU A 61 14.55 -17.20 8.53
CA GLU A 61 13.28 -16.77 9.15
C GLU A 61 13.21 -15.25 9.28
N ALA A 62 14.33 -14.61 9.55
CA ALA A 62 14.42 -13.15 9.59
C ALA A 62 13.91 -12.52 8.29
N ALA A 63 14.42 -13.00 7.13
CA ALA A 63 13.94 -12.46 5.87
C ALA A 63 12.52 -12.93 5.54
N SER A 64 12.19 -14.18 5.89
CA SER A 64 10.89 -14.73 5.49
C SER A 64 9.76 -13.98 6.13
N MET A 65 9.89 -13.67 7.42
CA MET A 65 8.81 -12.98 8.10
C MET A 65 8.59 -11.58 7.55
N MET A 66 9.66 -10.85 7.23
CA MET A 66 9.50 -9.55 6.57
CA MET A 66 9.46 -9.55 6.58
C MET A 66 8.86 -9.71 5.19
N SER A 67 9.24 -10.76 4.44
CA SER A 67 8.78 -10.89 3.08
C SER A 67 7.31 -11.29 2.96
N LYS A 68 6.67 -11.62 4.06
CA LYS A 68 5.27 -12.01 4.02
C LYS A 68 4.38 -10.80 4.14
N LEU A 69 4.96 -9.62 4.33
CA LEU A 69 4.24 -8.35 4.35
C LEU A 69 4.85 -7.49 3.25
N SER A 70 4.07 -6.56 2.77
CA SER A 70 4.49 -5.62 1.73
C SER A 70 4.24 -4.23 2.24
N HIS A 71 5.25 -3.37 2.10
CA HIS A 71 5.14 -2.00 2.55
C HIS A 71 6.20 -1.16 1.84
N LYS A 72 5.84 0.10 1.51
CA LYS A 72 6.81 0.96 0.87
C LYS A 72 8.12 1.17 1.66
N HIS A 73 8.12 1.05 3.00
CA HIS A 73 9.39 1.24 3.73
C HIS A 73 10.07 -0.05 4.17
N LEU A 74 9.69 -1.18 3.62
CA LEU A 74 10.33 -2.47 3.93
C LEU A 74 11.07 -2.97 2.71
N VAL A 75 12.35 -3.32 2.90
CA VAL A 75 13.10 -3.86 1.78
C VAL A 75 12.47 -5.08 1.16
N LEU A 76 12.49 -5.14 -0.18
CA LEU A 76 11.98 -6.31 -0.91
C LEU A 76 12.94 -7.47 -0.92
N ASN A 77 12.44 -8.63 -0.55
CA ASN A 77 13.21 -9.85 -0.72
C ASN A 77 12.95 -10.50 -2.07
N TYR A 78 14.01 -10.84 -2.81
CA TYR A 78 13.85 -11.48 -4.13
C TYR A 78 13.83 -12.99 -4.05
N GLY A 79 14.59 -13.56 -3.12
CA GLY A 79 14.50 -14.99 -2.89
C GLY A 79 15.80 -15.52 -2.27
N VAL A 80 16.12 -16.72 -2.64
CA VAL A 80 17.37 -17.32 -2.17
C VAL A 80 18.11 -17.88 -3.35
N CYS A 81 19.40 -17.95 -3.20
CA CYS A 81 20.26 -18.43 -4.29
C CYS A 81 20.37 -19.95 -4.21
N VAL A 82 20.12 -20.59 -5.33
CA VAL A 82 20.43 -22.01 -5.43
C VAL A 82 21.92 -22.04 -5.65
N CYS A 83 22.68 -22.01 -4.56
CA CYS A 83 24.11 -21.71 -4.56
C CYS A 83 24.89 -22.85 -3.87
N GLY A 84 24.88 -24.04 -4.48
CA GLY A 84 25.59 -25.15 -3.89
C GLY A 84 25.15 -25.36 -2.46
N ASP A 85 26.11 -25.52 -1.54
CA ASP A 85 25.77 -25.73 -0.15
C ASP A 85 25.63 -24.42 0.62
N GLU A 86 25.70 -23.27 -0.06
CA GLU A 86 25.72 -22.02 0.67
C GLU A 86 24.30 -21.60 1.07
N ASN A 87 24.25 -20.64 2.00
CA ASN A 87 22.97 -20.09 2.51
C ASN A 87 22.96 -18.59 2.18
N ILE A 88 22.21 -18.18 1.16
CA ILE A 88 22.37 -16.84 0.52
C ILE A 88 20.98 -16.24 0.26
N LEU A 89 20.70 -15.10 0.86
CA LEU A 89 19.49 -14.32 0.61
C LEU A 89 19.77 -13.30 -0.47
N VAL A 90 18.79 -13.11 -1.35
CA VAL A 90 18.89 -12.15 -2.45
C VAL A 90 17.83 -11.11 -2.21
N GLN A 91 18.21 -9.84 -2.17
CA GLN A 91 17.26 -8.80 -1.81
CA GLN A 91 17.32 -8.78 -1.76
C GLN A 91 17.54 -7.55 -2.63
N GLU A 92 16.62 -6.62 -2.52
CA GLU A 92 16.74 -5.33 -3.21
C GLU A 92 18.01 -4.60 -2.81
N PHE A 93 18.69 -4.05 -3.83
CA PHE A 93 19.84 -3.17 -3.66
C PHE A 93 19.37 -1.73 -3.54
N VAL A 94 19.63 -1.11 -2.38
CA VAL A 94 19.17 0.25 -2.10
C VAL A 94 20.31 1.21 -2.33
N LYS A 95 20.08 2.13 -3.27
CA LYS A 95 21.16 2.84 -3.93
C LYS A 95 22.19 3.49 -3.03
N PHE A 96 21.79 4.15 -1.99
CA PHE A 96 22.67 4.98 -1.19
C PHE A 96 23.11 4.33 0.11
N GLY A 97 22.71 3.07 0.37
CA GLY A 97 23.06 2.26 1.48
C GLY A 97 22.69 2.74 2.87
N SER A 98 23.50 2.33 3.82
CA SER A 98 23.14 2.45 5.24
C SER A 98 23.01 3.90 5.69
N LEU A 99 21.93 4.16 6.44
CA LEU A 99 21.71 5.46 7.05
C LEU A 99 22.83 5.89 8.02
N ASP A 100 23.35 4.95 8.81
CA ASP A 100 24.40 5.35 9.78
C ASP A 100 25.61 5.92 9.08
N THR A 101 26.09 5.27 7.96
CA THR A 101 27.26 5.85 7.35
C THR A 101 26.88 7.10 6.56
N TYR A 102 25.65 7.15 6.04
CA TYR A 102 25.26 8.35 5.30
C TYR A 102 25.20 9.56 6.23
N LEU A 103 24.67 9.36 7.43
CA LEU A 103 24.59 10.45 8.42
C LEU A 103 25.96 11.03 8.67
N LYS A 104 26.94 10.16 8.79
CA LYS A 104 28.31 10.60 9.10
C LYS A 104 28.91 11.36 7.93
N LYS A 105 28.81 10.79 6.71
CA LYS A 105 29.33 11.40 5.51
C LYS A 105 28.76 12.78 5.24
N ASN A 106 27.46 12.96 5.42
CA ASN A 106 26.80 14.21 5.09
C ASN A 106 26.29 14.98 6.30
N LYS A 107 27.02 14.89 7.43
CA LYS A 107 26.64 15.66 8.62
C LYS A 107 26.59 17.15 8.35
N ASN A 108 27.27 17.64 7.31
CA ASN A 108 27.17 19.06 6.97
C ASN A 108 25.82 19.38 6.35
N CYS A 109 25.42 18.63 5.33
CA CYS A 109 24.23 18.94 4.55
C CYS A 109 22.96 18.28 5.06
N ILE A 110 22.89 17.95 6.35
CA ILE A 110 21.72 17.28 6.93
C ILE A 110 21.23 18.10 8.12
N ASN A 111 20.02 18.69 7.99
CA ASN A 111 19.42 19.47 9.05
C ASN A 111 18.27 18.73 9.72
N ILE A 112 17.65 19.40 10.71
CA ILE A 112 16.70 18.72 11.55
C ILE A 112 15.46 18.32 10.78
N LEU A 113 15.07 19.07 9.75
CA LEU A 113 13.91 18.67 8.94
C LEU A 113 14.14 17.34 8.19
N TRP A 114 15.35 17.16 7.65
CA TRP A 114 15.73 15.91 7.04
C TRP A 114 15.65 14.77 8.06
N LYS A 115 16.16 15.00 9.27
CA LYS A 115 16.13 13.94 10.29
C LYS A 115 14.71 13.62 10.68
N LEU A 116 13.88 14.64 10.82
CA LEU A 116 12.50 14.45 11.18
C LEU A 116 11.76 13.64 10.12
N GLU A 117 11.99 13.93 8.83
CA GLU A 117 11.29 13.14 7.79
C GLU A 117 11.70 11.68 7.84
N VAL A 118 13.01 11.41 7.98
CA VAL A 118 13.43 10.03 8.11
C VAL A 118 12.86 9.34 9.33
N ALA A 119 12.81 10.06 10.50
CA ALA A 119 12.20 9.50 11.68
C ALA A 119 10.73 9.18 11.45
N LYS A 120 10.02 10.06 10.79
CA LYS A 120 8.63 9.75 10.48
C LYS A 120 8.44 8.52 9.60
N GLN A 121 9.33 8.32 8.61
CA GLN A 121 9.25 7.15 7.78
C GLN A 121 9.53 5.92 8.59
N LEU A 122 10.57 5.97 9.47
CA LEU A 122 10.85 4.79 10.30
C LEU A 122 9.63 4.48 11.17
N ALA A 123 9.04 5.50 11.80
CA ALA A 123 7.90 5.27 12.65
C ALA A 123 6.74 4.72 11.81
N ALA A 124 6.60 5.18 10.57
CA ALA A 124 5.51 4.64 9.74
C ALA A 124 5.69 3.16 9.50
N ALA A 125 6.92 2.74 9.21
CA ALA A 125 7.18 1.33 9.05
C ALA A 125 6.93 0.57 10.33
N MET A 126 7.36 1.10 11.47
CA MET A 126 7.19 0.32 12.70
C MET A 126 5.72 0.25 13.12
N HIS A 127 5.02 1.28 12.79
CA HIS A 127 3.55 1.29 13.03
C HIS A 127 2.88 0.18 12.27
N PHE A 128 3.27 0.03 11.00
CA PHE A 128 2.77 -1.06 10.18
C PHE A 128 3.11 -2.39 10.80
N LEU A 129 4.37 -2.55 11.26
CA LEU A 129 4.74 -3.82 11.86
C LEU A 129 3.95 -4.05 13.14
N GLU A 130 3.77 -3.00 13.96
CA GLU A 130 3.01 -3.13 15.19
C GLU A 130 1.57 -3.58 14.91
N GLU A 131 0.94 -3.02 13.88
CA GLU A 131 -0.46 -3.37 13.58
C GLU A 131 -0.62 -4.81 13.15
N ASN A 132 0.44 -5.34 12.54
CA ASN A 132 0.56 -6.70 12.11
C ASN A 132 1.14 -7.62 13.16
N THR A 133 1.24 -7.14 14.41
CA THR A 133 1.95 -7.78 15.50
C THR A 133 3.19 -8.57 15.02
N LEU A 134 4.08 -7.89 14.34
CA LEU A 134 5.27 -8.50 13.82
C LEU A 134 6.46 -7.81 14.47
N ILE A 135 7.28 -8.59 15.17
CA ILE A 135 8.45 -8.03 15.85
C ILE A 135 9.60 -8.02 14.89
N HIS A 136 10.30 -6.87 14.80
CA HIS A 136 11.52 -6.81 14.02
C HIS A 136 12.71 -7.33 14.83
N GLY A 137 13.07 -6.62 15.91
CA GLY A 137 14.07 -7.10 16.86
C GLY A 137 15.48 -6.68 16.60
N ASN A 138 15.72 -5.87 15.58
CA ASN A 138 17.03 -5.33 15.34
C ASN A 138 16.96 -4.01 14.56
N VAL A 139 16.13 -3.10 15.07
CA VAL A 139 16.05 -1.75 14.52
C VAL A 139 17.30 -0.99 14.91
N CYS A 140 18.00 -0.45 13.91
CA CYS A 140 19.24 0.31 14.08
C CYS A 140 19.52 1.04 12.79
N ALA A 141 20.34 2.05 12.92
CA ALA A 141 20.52 2.87 11.73
C ALA A 141 21.30 2.11 10.63
N LYS A 142 22.17 1.15 10.99
CA LYS A 142 22.85 0.31 9.98
C LYS A 142 21.85 -0.40 9.06
N ASN A 143 20.71 -0.76 9.61
CA ASN A 143 19.69 -1.56 8.93
C ASN A 143 18.63 -0.71 8.24
N ILE A 144 18.82 0.59 8.23
CA ILE A 144 17.97 1.50 7.48
C ILE A 144 18.75 1.92 6.28
N LEU A 145 18.14 1.77 5.09
CA LEU A 145 18.80 2.05 3.84
C LEU A 145 18.10 3.19 3.09
N LEU A 146 18.93 4.06 2.50
CA LEU A 146 18.45 5.27 1.81
C LEU A 146 18.26 5.00 0.29
N ILE A 147 16.98 4.95 -0.15
CA ILE A 147 16.58 4.69 -1.56
C ILE A 147 16.94 5.89 -2.44
N SER A 148 16.71 7.10 -1.92
CA SER A 148 16.81 8.35 -2.65
C SER A 148 17.15 9.50 -1.70
N GLU A 149 18.01 10.42 -2.17
CA GLU A 149 18.40 11.54 -1.36
C GLU A 149 17.32 12.60 -1.48
N GLU A 150 17.40 13.57 -0.59
CA GLU A 150 16.62 14.79 -0.75
C GLU A 150 16.86 15.37 -2.13
N ASP A 151 15.78 15.82 -2.78
CA ASP A 151 15.86 16.36 -4.13
C ASP A 151 15.23 17.75 -4.02
N ARG A 152 16.07 18.77 -3.94
CA ARG A 152 15.53 20.12 -3.80
C ARG A 152 14.88 20.58 -5.11
N LYS A 153 15.44 20.16 -6.25
CA LYS A 153 14.85 20.50 -7.54
C LYS A 153 13.35 20.25 -7.50
N THR A 154 12.95 19.11 -6.94
CA THR A 154 11.56 18.71 -6.98
C THR A 154 10.86 18.80 -5.65
N GLY A 155 11.54 19.18 -4.56
CA GLY A 155 10.95 19.21 -3.23
C GLY A 155 10.85 17.87 -2.50
N ASN A 156 11.32 16.79 -3.08
CA ASN A 156 11.03 15.47 -2.49
C ASN A 156 11.99 15.18 -1.33
N PRO A 157 11.47 14.64 -0.22
CA PRO A 157 12.33 14.29 0.91
C PRO A 157 13.16 13.05 0.61
N PRO A 158 14.21 12.79 1.40
CA PRO A 158 14.90 11.49 1.35
C PRO A 158 13.85 10.39 1.60
N PHE A 159 14.10 9.17 1.11
CA PHE A 159 13.20 8.04 1.32
C PHE A 159 14.03 6.87 1.80
N ILE A 160 13.51 6.16 2.79
CA ILE A 160 14.28 5.08 3.41
C ILE A 160 13.50 3.78 3.37
N LYS A 161 14.21 2.68 3.57
CA LYS A 161 13.58 1.39 3.84
C LYS A 161 14.35 0.68 4.95
N LEU A 162 13.64 -0.21 5.60
CA LEU A 162 14.16 -1.01 6.71
C LEU A 162 14.40 -2.45 6.24
N SER A 163 15.66 -2.92 6.42
CA SER A 163 16.09 -4.26 6.10
C SER A 163 15.75 -5.21 7.24
N ASP A 164 15.85 -6.52 6.97
CA ASP A 164 15.47 -7.54 7.95
C ASP A 164 16.45 -7.64 9.13
N PRO A 165 16.00 -8.18 10.26
CA PRO A 165 16.82 -8.09 11.49
C PRO A 165 18.03 -8.99 11.54
N GLY A 166 18.18 -9.94 10.61
CA GLY A 166 19.29 -10.95 10.76
C GLY A 166 18.90 -12.02 11.78
N ILE A 167 19.91 -12.80 12.14
CA ILE A 167 19.74 -13.87 13.11
C ILE A 167 19.19 -13.22 14.38
N SER A 168 18.17 -13.83 14.96
CA SER A 168 17.42 -13.27 16.10
C SER A 168 18.25 -13.20 17.40
N ILE A 169 17.93 -12.20 18.22
CA ILE A 169 18.63 -12.13 19.51
C ILE A 169 18.22 -13.29 20.41
N THR A 170 17.14 -13.99 20.07
CA THR A 170 16.73 -15.08 20.93
C THR A 170 17.67 -16.26 20.82
N VAL A 171 18.51 -16.34 19.78
CA VAL A 171 19.48 -17.43 19.65
C VAL A 171 20.93 -16.97 19.67
N LEU A 172 21.24 -15.67 19.56
CA LEU A 172 22.59 -15.24 19.49
C LEU A 172 23.29 -15.41 20.82
N PRO A 173 24.62 -15.52 20.80
CA PRO A 173 25.36 -15.61 22.07
C PRO A 173 25.15 -14.38 22.95
N LYS A 174 25.16 -14.60 24.27
CA LYS A 174 24.95 -13.51 25.24
C LYS A 174 25.91 -12.36 24.99
N ASP A 175 27.19 -12.65 24.69
CA ASP A 175 28.15 -11.57 24.51
C ASP A 175 27.83 -10.67 23.30
N ILE A 176 27.22 -11.22 22.26
CA ILE A 176 26.83 -10.35 21.14
C ILE A 176 25.72 -9.41 21.56
N LEU A 177 24.74 -9.94 22.28
CA LEU A 177 23.65 -9.08 22.80
C LEU A 177 24.20 -7.94 23.65
N GLN A 178 25.26 -8.22 24.44
CA GLN A 178 25.77 -7.17 25.31
C GLN A 178 26.48 -6.12 24.50
N GLU A 179 27.14 -6.54 23.40
CA GLU A 179 27.78 -5.60 22.50
C GLU A 179 26.74 -4.72 21.80
N ARG A 180 25.54 -5.23 21.62
CA ARG A 180 24.45 -4.49 21.03
C ARG A 180 23.67 -3.61 22.03
N ILE A 181 24.12 -3.47 23.25
CA ILE A 181 23.57 -2.41 24.12
C ILE A 181 24.05 -1.08 23.55
N PRO A 182 23.24 -0.10 23.36
CA PRO A 182 21.84 0.07 23.92
C PRO A 182 20.70 -0.12 22.90
N TRP A 183 20.90 -0.85 21.80
CA TRP A 183 19.84 -1.17 20.89
C TRP A 183 19.06 -2.33 21.46
N VAL A 184 19.75 -3.29 22.07
CA VAL A 184 19.00 -4.37 22.73
C VAL A 184 18.51 -3.82 24.06
N PRO A 185 17.25 -3.98 24.42
CA PRO A 185 16.76 -3.32 25.64
C PRO A 185 17.06 -4.08 26.92
N PRO A 186 16.96 -3.42 28.09
CA PRO A 186 17.42 -4.06 29.34
C PRO A 186 16.78 -5.40 29.58
N GLU A 187 15.50 -5.50 29.28
CA GLU A 187 14.81 -6.75 29.60
C GLU A 187 15.29 -7.87 28.71
N CYS A 188 15.90 -7.56 27.57
CA CYS A 188 16.39 -8.64 26.72
C CYS A 188 17.80 -9.08 27.12
N ILE A 189 18.55 -8.20 27.81
CA ILE A 189 19.82 -8.60 28.43
C ILE A 189 19.54 -9.52 29.62
N GLU A 190 18.55 -9.14 30.43
CA GLU A 190 17.99 -10.04 31.44
C GLU A 190 17.63 -11.40 30.87
N ASN A 191 16.87 -11.43 29.76
CA ASN A 191 16.50 -12.68 29.12
C ASN A 191 16.08 -12.43 27.69
N PRO A 192 16.82 -12.95 26.69
CA PRO A 192 16.50 -12.64 25.28
C PRO A 192 15.13 -13.12 24.87
N LYS A 193 14.58 -14.09 25.56
CA LYS A 193 13.21 -14.50 25.30
C LYS A 193 12.20 -13.41 25.64
N ASN A 194 12.59 -12.33 26.30
CA ASN A 194 11.70 -11.21 26.54
C ASN A 194 11.47 -10.35 25.30
N LEU A 195 12.08 -10.72 24.18
CA LEU A 195 11.80 -10.07 22.92
C LEU A 195 10.29 -9.92 22.71
N ASN A 196 9.84 -8.72 22.34
CA ASN A 196 8.44 -8.32 22.43
C ASN A 196 8.22 -7.17 21.43
N LEU A 197 6.98 -6.86 21.13
CA LEU A 197 6.81 -5.61 20.37
C LEU A 197 7.44 -4.41 21.09
N ALA A 198 7.44 -4.42 22.43
CA ALA A 198 8.07 -3.33 23.19
C ALA A 198 9.57 -3.26 22.97
N THR A 199 10.21 -4.35 22.57
CA THR A 199 11.63 -4.30 22.18
C THR A 199 11.87 -3.24 21.11
N ASP A 200 11.04 -3.28 20.06
CA ASP A 200 11.20 -2.38 18.96
C ASP A 200 10.98 -0.93 19.32
N LYS A 201 10.07 -0.62 20.28
CA LYS A 201 9.93 0.76 20.70
C LYS A 201 11.20 1.29 21.37
N TRP A 202 11.82 0.47 22.22
CA TRP A 202 13.14 0.84 22.75
C TRP A 202 14.19 1.06 21.65
N SER A 203 14.32 0.09 20.72
CA SER A 203 15.36 0.17 19.69
C SER A 203 15.08 1.32 18.75
N PHE A 204 13.81 1.66 18.59
CA PHE A 204 13.52 2.87 17.83
C PHE A 204 14.07 4.10 18.45
N GLY A 205 14.05 4.18 19.79
CA GLY A 205 14.58 5.35 20.45
C GLY A 205 16.06 5.44 20.28
N THR A 206 16.70 4.31 20.39
CA THR A 206 18.18 4.29 20.10
C THR A 206 18.51 4.72 18.68
N THR A 207 17.70 4.26 17.72
CA THR A 207 17.96 4.62 16.33
C THR A 207 17.72 6.07 16.11
N LEU A 208 16.69 6.65 16.75
CA LEU A 208 16.47 8.08 16.62
CA LEU A 208 16.47 8.08 16.64
C LEU A 208 17.67 8.87 17.18
N TRP A 209 18.28 8.39 18.27
CA TRP A 209 19.49 9.04 18.78
C TRP A 209 20.62 8.96 17.74
N GLU A 210 20.75 7.82 17.09
CA GLU A 210 21.73 7.74 15.98
C GLU A 210 21.41 8.75 14.88
N ILE A 211 20.10 8.89 14.54
CA ILE A 211 19.73 9.83 13.49
C ILE A 211 20.09 11.25 13.86
N CYS A 212 19.89 11.61 15.15
CA CYS A 212 20.18 12.94 15.62
C CYS A 212 21.66 13.15 15.96
N SER A 213 22.47 12.10 15.97
CA SER A 213 23.87 12.24 16.36
C SER A 213 24.86 12.10 15.21
N GLY A 214 24.45 12.38 13.99
CA GLY A 214 25.40 12.36 12.87
C GLY A 214 26.10 11.04 12.69
N GLY A 215 25.43 9.94 13.03
CA GLY A 215 26.06 8.63 12.88
C GLY A 215 27.05 8.25 13.95
N ASP A 216 27.14 8.98 15.07
CA ASP A 216 27.80 8.44 16.22
C ASP A 216 27.05 7.22 16.67
N LYS A 217 27.73 6.36 17.37
CA LYS A 217 27.17 5.14 17.98
C LYS A 217 27.05 5.37 19.45
N PRO A 218 25.85 5.31 20.03
CA PRO A 218 25.70 5.57 21.45
C PRO A 218 26.42 4.51 22.28
N LEU A 219 27.17 5.02 23.27
CA LEU A 219 27.89 4.26 24.26
C LEU A 219 29.09 3.54 23.65
N SER A 220 29.52 3.92 22.43
CA SER A 220 30.64 3.19 21.74
C SER A 220 31.89 3.12 22.60
N ALA A 221 32.04 4.06 23.48
CA ALA A 221 33.23 4.17 24.34
C ALA A 221 33.15 3.22 25.48
N LEU A 222 32.01 2.56 25.66
CA LEU A 222 31.84 1.62 26.78
C LEU A 222 32.05 0.20 26.31
N ASP A 223 32.94 -0.54 27.00
CA ASP A 223 33.10 -1.97 26.77
C ASP A 223 31.88 -2.71 27.29
N SER A 224 31.78 -4.00 27.01
CA SER A 224 30.55 -4.71 27.35
C SER A 224 30.23 -4.67 28.84
N GLN A 225 31.23 -4.84 29.69
CA GLN A 225 30.96 -4.78 31.14
C GLN A 225 30.42 -3.40 31.54
N ARG A 226 30.99 -2.35 31.01
CA ARG A 226 30.42 -1.07 31.29
C ARG A 226 29.02 -0.83 30.67
N LYS A 227 28.73 -1.42 29.53
CA LYS A 227 27.39 -1.30 28.97
C LYS A 227 26.38 -1.96 29.89
N LEU A 228 26.73 -3.09 30.46
CA LEU A 228 25.82 -3.67 31.44
C LEU A 228 25.63 -2.75 32.62
N GLN A 229 26.71 -2.11 33.08
CA GLN A 229 26.57 -1.21 34.23
C GLN A 229 25.66 -0.04 33.90
N PHE A 230 25.77 0.49 32.68
CA PHE A 230 24.82 1.50 32.20
C PHE A 230 23.38 1.09 32.47
N TYR A 231 23.02 -0.15 32.13
CA TYR A 231 21.65 -0.59 32.40
C TYR A 231 21.42 -0.83 33.89
N GLU A 232 22.41 -1.39 34.61
CA GLU A 232 22.27 -1.57 36.07
C GLU A 232 21.92 -0.29 36.77
N ASP A 233 22.61 0.79 36.43
CA ASP A 233 22.39 2.07 37.06
C ASP A 233 21.24 2.85 36.42
N ARG A 234 20.57 2.25 35.43
CA ARG A 234 19.34 2.78 34.82
C ARG A 234 19.58 4.15 34.19
N HIS A 235 20.69 4.28 33.52
CA HIS A 235 21.01 5.57 32.86
C HIS A 235 20.19 5.74 31.56
N GLN A 236 20.14 6.97 31.09
CA GLN A 236 19.59 7.27 29.80
C GLN A 236 20.70 7.78 28.90
N LEU A 237 20.46 7.73 27.60
CA LEU A 237 21.41 8.29 26.68
C LEU A 237 21.50 9.80 26.84
N PRO A 238 22.62 10.41 26.52
CA PRO A 238 22.66 11.87 26.56
C PRO A 238 21.81 12.49 25.46
N ALA A 239 21.32 13.70 25.71
CA ALA A 239 20.59 14.40 24.68
C ALA A 239 21.49 14.65 23.48
N PRO A 240 21.06 14.34 22.24
CA PRO A 240 21.86 14.68 21.07
C PRO A 240 22.04 16.18 21.00
N LYS A 241 23.16 16.64 20.46
CA LYS A 241 23.36 18.09 20.35
C LYS A 241 22.22 18.72 19.56
N ALA A 242 21.79 18.05 18.48
CA ALA A 242 20.49 18.36 17.86
C ALA A 242 19.41 17.75 18.76
N ALA A 243 18.88 18.53 19.70
CA ALA A 243 18.18 17.97 20.84
C ALA A 243 16.66 17.93 20.64
N GLU A 244 16.16 18.20 19.45
CA GLU A 244 14.71 18.37 19.32
C GLU A 244 13.93 17.08 19.60
N LEU A 245 14.58 15.92 19.45
CA LEU A 245 13.97 14.61 19.61
C LEU A 245 14.43 13.96 20.91
N ALA A 246 15.13 14.71 21.76
CA ALA A 246 15.62 14.15 23.02
C ALA A 246 14.52 13.54 23.88
N ASN A 247 13.41 14.28 24.05
CA ASN A 247 12.30 13.77 24.85
C ASN A 247 11.71 12.53 24.28
N LEU A 248 11.39 12.58 22.96
CA LEU A 248 10.89 11.39 22.28
C LEU A 248 11.83 10.18 22.48
N ILE A 249 13.14 10.39 22.34
CA ILE A 249 14.10 9.31 22.53
C ILE A 249 14.00 8.68 23.91
N ASN A 250 14.05 9.53 24.97
CA ASN A 250 13.95 8.98 26.32
C ASN A 250 12.59 8.36 26.60
N ASN A 251 11.51 8.93 26.04
CA ASN A 251 10.19 8.32 26.20
C ASN A 251 10.12 6.92 25.63
N CYS A 252 10.76 6.70 24.44
CA CYS A 252 10.81 5.36 23.86
C CYS A 252 11.75 4.41 24.64
N MET A 253 12.91 4.92 25.07
CA MET A 253 13.78 4.10 25.87
C MET A 253 13.37 4.11 27.35
N ASP A 254 12.17 3.58 27.62
CA ASP A 254 11.64 3.51 28.95
C ASP A 254 12.04 2.15 29.52
N TYR A 255 12.63 2.14 30.74
CA TYR A 255 12.99 0.86 31.33
C TYR A 255 11.82 0.00 31.64
N GLU A 256 10.58 0.57 31.82
CA GLU A 256 9.39 -0.27 31.88
C GLU A 256 8.83 -0.53 30.49
N PRO A 257 8.96 -1.75 29.96
CA PRO A 257 8.49 -1.99 28.57
C PRO A 257 7.04 -1.62 28.32
N ASP A 258 6.20 -1.89 29.32
CA ASP A 258 4.73 -1.63 29.19
C ASP A 258 4.38 -0.14 29.05
N HIS A 259 5.29 0.75 29.40
CA HIS A 259 5.06 2.16 29.33
C HIS A 259 5.56 2.80 28.07
N ARG A 260 6.31 2.08 27.24
CA ARG A 260 6.76 2.66 26.01
C ARG A 260 5.58 2.98 25.15
N PRO A 261 5.59 4.11 24.47
CA PRO A 261 4.41 4.56 23.72
C PRO A 261 4.18 3.75 22.48
N SER A 262 2.89 3.72 22.09
CA SER A 262 2.52 3.09 20.82
C SER A 262 3.15 3.84 19.66
N PHE A 263 3.31 3.16 18.51
CA PHE A 263 3.83 3.91 17.38
C PHE A 263 2.83 4.95 16.86
N ARG A 264 1.53 4.72 17.09
CA ARG A 264 0.54 5.78 16.84
C ARG A 264 0.87 7.02 17.64
N ALA A 265 1.07 6.83 18.93
CA ALA A 265 1.47 7.98 19.77
C ALA A 265 2.79 8.58 19.31
N ILE A 266 3.75 7.75 18.95
CA ILE A 266 5.04 8.28 18.49
C ILE A 266 4.89 9.13 17.25
N ILE A 267 4.09 8.67 16.30
CA ILE A 267 3.92 9.45 15.09
C ILE A 267 3.27 10.79 15.41
N ARG A 268 2.28 10.78 16.32
CA ARG A 268 1.64 12.03 16.77
C ARG A 268 2.68 13.02 17.29
N ASP A 269 3.56 12.55 18.21
CA ASP A 269 4.61 13.43 18.72
C ASP A 269 5.46 13.98 17.59
N LEU A 270 5.93 13.09 16.66
CA LEU A 270 6.78 13.57 15.59
C LEU A 270 6.09 14.67 14.79
N ASN A 271 4.82 14.46 14.48
CA ASN A 271 4.05 15.42 13.70
C ASN A 271 3.65 16.67 14.51
N SER A 272 3.76 16.63 15.82
CA SER A 272 3.46 17.81 16.62
C SER A 272 4.70 18.65 16.91
N LEU A 273 5.92 18.18 16.58
CA LEU A 273 7.08 19.06 16.73
C LEU A 273 6.93 20.32 15.86
N PHE A 274 6.04 20.27 14.85
CA PHE A 274 5.64 21.43 14.04
C PHE A 274 4.77 22.39 14.86
N VAL B 1 -17.17 9.27 -31.88
CA VAL B 1 -18.48 9.71 -31.41
C VAL B 1 -19.31 8.50 -30.93
N PHE B 2 -20.62 8.72 -30.77
CA PHE B 2 -21.53 7.77 -30.17
C PHE B 2 -22.57 7.29 -31.18
N HIS B 3 -22.89 5.99 -31.14
CA HIS B 3 -23.98 5.47 -31.96
C HIS B 3 -25.31 6.07 -31.54
N LYS B 4 -26.12 6.48 -32.52
CA LYS B 4 -27.43 7.07 -32.27
C LYS B 4 -28.47 5.96 -32.19
N ILE B 5 -29.28 5.99 -31.16
CA ILE B 5 -30.37 5.03 -30.99
C ILE B 5 -31.68 5.80 -30.99
N ARG B 6 -32.60 5.35 -31.85
CA ARG B 6 -33.90 6.01 -31.96
C ARG B 6 -34.69 5.87 -30.66
N ASN B 7 -35.34 6.93 -30.23
CA ASN B 7 -36.18 6.77 -29.06
C ASN B 7 -37.27 5.75 -29.31
N GLU B 8 -37.68 5.58 -30.58
CA GLU B 8 -38.73 4.63 -30.85
C GLU B 8 -38.30 3.24 -30.48
N ASP B 9 -36.99 2.99 -30.46
CA ASP B 9 -36.51 1.65 -30.21
C ASP B 9 -36.16 1.41 -28.74
N LEU B 10 -36.44 2.36 -27.86
CA LEU B 10 -36.11 2.26 -26.43
C LEU B 10 -37.38 2.38 -25.61
N ILE B 11 -37.64 1.41 -24.77
CA ILE B 11 -38.69 1.54 -23.77
C ILE B 11 -38.05 1.63 -22.37
N PHE B 12 -38.47 2.63 -21.61
CA PHE B 12 -38.02 2.84 -20.22
C PHE B 12 -38.96 2.08 -19.28
N ASN B 13 -38.39 1.20 -18.47
CA ASN B 13 -39.15 0.52 -17.42
C ASN B 13 -38.69 0.98 -16.02
N GLU B 14 -38.47 0.03 -15.11
CA GLU B 14 -38.35 0.46 -13.72
C GLU B 14 -37.12 1.29 -13.42
N SER B 15 -37.32 2.15 -12.43
CA SER B 15 -36.22 2.93 -11.82
C SER B 15 -35.36 2.04 -10.93
N LEU B 16 -34.01 2.09 -11.20
CA LEU B 16 -33.09 1.31 -10.39
C LEU B 16 -32.44 2.13 -9.29
N GLY B 17 -32.37 3.45 -9.45
CA GLY B 17 -31.75 4.31 -8.46
C GLY B 17 -31.36 5.59 -9.12
N GLN B 18 -30.32 6.19 -8.58
CA GLN B 18 -29.84 7.51 -8.98
C GLN B 18 -28.31 7.47 -8.89
N GLY B 19 -27.68 8.24 -9.77
CA GLY B 19 -26.33 8.62 -9.64
C GLY B 19 -26.20 10.10 -9.39
N THR B 20 -25.01 10.62 -9.58
CA THR B 20 -24.79 12.01 -9.33
C THR B 20 -25.44 12.81 -10.43
N PHE B 21 -26.59 13.46 -10.10
CA PHE B 21 -27.35 14.26 -11.02
C PHE B 21 -27.95 13.43 -12.15
N THR B 22 -28.22 12.14 -11.87
CA THR B 22 -28.76 11.25 -12.89
C THR B 22 -29.77 10.32 -12.26
N LYS B 23 -30.68 9.82 -13.10
CA LYS B 23 -31.64 8.79 -12.72
C LYS B 23 -31.35 7.55 -13.58
N ILE B 24 -31.47 6.37 -12.98
CA ILE B 24 -31.09 5.13 -13.64
C ILE B 24 -32.31 4.24 -13.76
N PHE B 25 -32.53 3.75 -14.98
CA PHE B 25 -33.61 2.86 -15.35
C PHE B 25 -33.16 1.59 -16.06
N LYS B 26 -33.95 0.53 -15.87
CA LYS B 26 -33.84 -0.62 -16.74
C LYS B 26 -34.77 -0.37 -17.91
N GLY B 27 -34.39 -0.87 -19.06
CA GLY B 27 -35.31 -0.76 -20.20
C GLY B 27 -35.01 -1.79 -21.26
N VAL B 28 -35.58 -1.57 -22.45
CA VAL B 28 -35.49 -2.55 -23.54
C VAL B 28 -35.21 -1.78 -24.82
N ARG B 29 -34.22 -2.26 -25.58
CA ARG B 29 -33.89 -1.73 -26.87
C ARG B 29 -34.29 -2.77 -27.93
N ARG B 30 -35.08 -2.35 -28.90
CA ARG B 30 -35.37 -3.20 -30.06
CA ARG B 30 -35.37 -3.21 -30.06
C ARG B 30 -34.26 -2.97 -31.07
N GLU B 31 -33.51 -4.02 -31.39
CA GLU B 31 -32.37 -3.84 -32.26
C GLU B 31 -32.22 -4.97 -33.28
N VAL B 32 -31.63 -4.60 -34.41
CA VAL B 32 -31.15 -5.58 -35.40
C VAL B 32 -29.77 -6.10 -34.96
N GLY B 33 -29.69 -7.39 -34.62
CA GLY B 33 -28.48 -7.97 -34.10
C GLY B 33 -27.77 -8.82 -35.13
N ASP B 34 -26.95 -9.75 -34.63
CA ASP B 34 -26.17 -10.58 -35.53
C ASP B 34 -27.13 -11.32 -36.44
N TYR B 35 -26.68 -11.46 -37.68
CA TYR B 35 -27.44 -12.12 -38.74
C TYR B 35 -28.78 -11.43 -39.07
N GLY B 36 -28.94 -10.14 -38.78
CA GLY B 36 -30.18 -9.41 -39.08
C GLY B 36 -31.35 -9.85 -38.24
N GLN B 37 -31.07 -10.58 -37.17
CA GLN B 37 -32.10 -11.07 -36.31
C GLN B 37 -32.55 -9.92 -35.39
N LEU B 38 -33.85 -9.69 -35.33
CA LEU B 38 -34.38 -8.74 -34.35
C LEU B 38 -34.30 -9.31 -32.94
N HIS B 39 -33.96 -8.44 -31.99
CA HIS B 39 -33.82 -8.81 -30.60
C HIS B 39 -34.44 -7.71 -29.76
N GLU B 40 -34.98 -8.11 -28.63
CA GLU B 40 -35.46 -7.21 -27.58
C GLU B 40 -34.42 -7.31 -26.51
N THR B 41 -33.59 -6.28 -26.37
CA THR B 41 -32.39 -6.40 -25.53
C THR B 41 -32.56 -5.56 -24.25
N GLU B 42 -32.30 -6.19 -23.10
CA GLU B 42 -32.27 -5.43 -21.83
C GLU B 42 -31.15 -4.39 -21.89
N VAL B 43 -31.44 -3.18 -21.41
CA VAL B 43 -30.43 -2.12 -21.40
C VAL B 43 -30.52 -1.38 -20.07
N LEU B 44 -29.41 -0.71 -19.73
CA LEU B 44 -29.31 0.17 -18.60
C LEU B 44 -29.35 1.58 -19.13
N LEU B 45 -30.34 2.35 -18.69
CA LEU B 45 -30.48 3.72 -19.19
C LEU B 45 -30.11 4.72 -18.12
N LYS B 46 -29.32 5.71 -18.48
CA LYS B 46 -28.93 6.76 -17.56
C LYS B 46 -29.41 8.08 -18.12
N VAL B 47 -30.23 8.80 -17.34
CA VAL B 47 -30.78 10.08 -17.75
C VAL B 47 -30.20 11.20 -16.93
N LEU B 48 -29.54 12.14 -17.59
CA LEU B 48 -29.04 13.30 -16.85
C LEU B 48 -30.19 14.21 -16.46
N ASP B 49 -30.18 14.67 -15.22
CA ASP B 49 -31.27 15.52 -14.72
C ASP B 49 -31.39 16.76 -15.56
N LYS B 50 -32.62 17.16 -15.87
CA LYS B 50 -32.80 18.29 -16.78
C LYS B 50 -32.29 19.58 -16.15
N ALA B 51 -32.33 19.67 -14.82
CA ALA B 51 -31.83 20.84 -14.12
C ALA B 51 -30.30 20.95 -14.08
N HIS B 52 -29.58 19.96 -14.58
CA HIS B 52 -28.11 19.97 -14.54
C HIS B 52 -27.54 19.67 -15.92
N ARG B 53 -28.16 20.26 -16.94
CA ARG B 53 -27.70 20.04 -18.29
C ARG B 53 -26.35 20.71 -18.56
N ASN B 54 -25.87 21.62 -17.70
CA ASN B 54 -24.49 22.08 -17.82
C ASN B 54 -23.50 20.90 -17.71
N TYR B 55 -23.90 19.79 -17.11
CA TYR B 55 -23.00 18.64 -17.01
C TYR B 55 -23.08 17.69 -18.20
N SER B 56 -23.78 18.05 -19.28
CA SER B 56 -24.00 17.10 -20.37
C SER B 56 -22.67 16.64 -20.98
N GLU B 57 -21.75 17.58 -21.25
CA GLU B 57 -20.47 17.17 -21.81
C GLU B 57 -19.77 16.18 -20.92
N SER B 58 -19.70 16.47 -19.61
CA SER B 58 -18.95 15.61 -18.70
C SER B 58 -19.64 14.26 -18.57
N PHE B 59 -20.97 14.30 -18.61
CA PHE B 59 -21.80 13.09 -18.59
C PHE B 59 -21.53 12.21 -19.79
N PHE B 60 -21.48 12.79 -20.98
CA PHE B 60 -21.22 11.94 -22.15
C PHE B 60 -19.76 11.54 -22.27
N GLU B 61 -18.86 12.47 -21.92
CA GLU B 61 -17.45 12.20 -21.99
C GLU B 61 -17.03 11.01 -21.11
N ALA B 62 -17.67 10.87 -19.96
CA ALA B 62 -17.32 9.77 -19.05
C ALA B 62 -17.58 8.41 -19.69
N ALA B 63 -18.67 8.29 -20.42
CA ALA B 63 -18.97 7.03 -21.07
C ALA B 63 -18.15 6.86 -22.35
N SER B 64 -17.88 7.97 -23.03
CA SER B 64 -17.14 7.96 -24.27
C SER B 64 -15.73 7.44 -24.05
N MET B 65 -15.11 7.84 -22.95
CA MET B 65 -13.77 7.35 -22.68
C MET B 65 -13.80 5.85 -22.41
N MET B 66 -14.87 5.36 -21.79
CA MET B 66 -14.98 3.92 -21.55
CA MET B 66 -14.93 3.91 -21.56
C MET B 66 -15.23 3.16 -22.84
N SER B 67 -15.85 3.80 -23.83
CA SER B 67 -16.30 3.09 -25.00
C SER B 67 -15.26 3.05 -26.11
N LYS B 68 -14.18 3.81 -25.96
CA LYS B 68 -13.05 3.76 -26.89
C LYS B 68 -12.09 2.62 -26.55
N LEU B 69 -12.10 2.16 -25.32
CA LEU B 69 -11.44 0.94 -24.91
C LEU B 69 -12.46 -0.18 -24.88
N SER B 70 -11.96 -1.37 -25.03
CA SER B 70 -12.74 -2.59 -24.95
C SER B 70 -11.96 -3.49 -24.02
N HIS B 71 -12.65 -4.11 -23.07
CA HIS B 71 -12.02 -5.01 -22.05
C HIS B 71 -13.11 -5.92 -21.52
N LYS B 72 -12.74 -7.12 -21.09
CA LYS B 72 -13.74 -8.00 -20.54
C LYS B 72 -14.33 -7.47 -19.21
N HIS B 73 -13.60 -6.67 -18.46
CA HIS B 73 -14.12 -6.16 -17.17
C HIS B 73 -14.67 -4.76 -17.23
N LEU B 74 -14.92 -4.19 -18.40
CA LEU B 74 -15.49 -2.87 -18.59
C LEU B 74 -16.86 -2.93 -19.26
N VAL B 75 -17.83 -2.20 -18.71
CA VAL B 75 -19.17 -2.27 -19.30
C VAL B 75 -19.24 -1.75 -20.72
N LEU B 76 -20.07 -2.41 -21.53
CA LEU B 76 -20.33 -1.93 -22.91
C LEU B 76 -21.26 -0.73 -22.95
N ASN B 77 -20.89 0.28 -23.75
CA ASN B 77 -21.79 1.35 -24.12
C ASN B 77 -22.43 1.01 -25.45
N TYR B 78 -23.72 1.21 -25.53
CA TYR B 78 -24.47 0.95 -26.77
C TYR B 78 -24.69 2.21 -27.61
N GLY B 79 -24.72 3.36 -26.97
CA GLY B 79 -24.91 4.61 -27.66
C GLY B 79 -25.69 5.60 -26.83
N VAL B 80 -26.26 6.59 -27.52
CA VAL B 80 -27.08 7.62 -26.86
C VAL B 80 -28.42 7.68 -27.56
N CYS B 81 -29.44 8.06 -26.79
CA CYS B 81 -30.77 8.12 -27.36
C CYS B 81 -31.00 9.47 -28.04
N VAL B 82 -31.55 9.42 -29.26
CA VAL B 82 -32.17 10.58 -29.88
C VAL B 82 -33.51 10.76 -29.17
N CYS B 83 -33.49 11.48 -28.06
CA CYS B 83 -34.60 11.57 -27.11
C CYS B 83 -34.97 13.00 -26.88
N GLY B 84 -35.23 13.72 -27.97
CA GLY B 84 -35.60 15.11 -27.84
C GLY B 84 -34.41 15.88 -27.35
N ASP B 85 -34.60 16.69 -26.29
CA ASP B 85 -33.48 17.38 -25.66
C ASP B 85 -33.10 16.75 -24.33
N GLU B 86 -33.51 15.50 -24.09
CA GLU B 86 -32.96 14.75 -22.97
C GLU B 86 -31.60 14.18 -23.31
N ASN B 87 -30.78 14.04 -22.27
CA ASN B 87 -29.43 13.51 -22.41
C ASN B 87 -29.44 12.10 -21.80
N ILE B 88 -29.41 11.07 -22.65
CA ILE B 88 -29.60 9.69 -22.22
C ILE B 88 -28.51 8.78 -22.78
N LEU B 89 -27.90 8.03 -21.89
CA LEU B 89 -26.91 7.02 -22.21
C LEU B 89 -27.56 5.67 -22.22
N VAL B 90 -27.18 4.82 -23.18
CA VAL B 90 -27.67 3.46 -23.27
C VAL B 90 -26.49 2.52 -23.13
N GLN B 91 -26.56 1.63 -22.13
CA GLN B 91 -25.44 0.77 -21.77
C GLN B 91 -25.94 -0.63 -21.49
N GLU B 92 -24.98 -1.55 -21.50
CA GLU B 92 -25.21 -2.93 -21.13
C GLU B 92 -25.93 -3.05 -19.81
N PHE B 93 -26.93 -3.92 -19.77
CA PHE B 93 -27.59 -4.28 -18.54
C PHE B 93 -26.86 -5.48 -17.91
N VAL B 94 -26.30 -5.30 -16.70
CA VAL B 94 -25.55 -6.34 -16.01
C VAL B 94 -26.44 -7.03 -15.04
N LYS B 95 -26.64 -8.33 -15.28
CA LYS B 95 -27.73 -9.09 -14.65
C LYS B 95 -27.92 -8.85 -13.14
N PHE B 96 -26.85 -9.01 -12.33
CA PHE B 96 -27.01 -8.99 -10.87
C PHE B 96 -26.73 -7.63 -10.24
N GLY B 97 -26.50 -6.57 -11.05
CA GLY B 97 -26.48 -5.30 -10.41
C GLY B 97 -25.22 -4.99 -9.61
N SER B 98 -25.38 -3.94 -8.82
CA SER B 98 -24.26 -3.35 -8.07
C SER B 98 -23.62 -4.29 -7.07
N LEU B 99 -22.29 -4.21 -6.97
CA LEU B 99 -21.56 -5.02 -6.03
C LEU B 99 -21.87 -4.62 -4.58
N ASP B 100 -22.07 -3.34 -4.33
CA ASP B 100 -22.30 -2.89 -2.94
C ASP B 100 -23.60 -3.46 -2.39
N THR B 101 -24.69 -3.43 -3.20
CA THR B 101 -25.91 -4.08 -2.70
C THR B 101 -25.80 -5.59 -2.66
N TYR B 102 -25.07 -6.20 -3.62
CA TYR B 102 -24.94 -7.66 -3.61
C TYR B 102 -24.19 -8.15 -2.37
N LEU B 103 -23.08 -7.47 -2.01
CA LEU B 103 -22.31 -7.84 -0.82
C LEU B 103 -23.17 -7.81 0.43
N LYS B 104 -24.00 -6.79 0.52
CA LYS B 104 -24.84 -6.57 1.70
C LYS B 104 -25.87 -7.69 1.78
N LYS B 105 -26.53 -7.99 0.65
CA LYS B 105 -27.53 -9.05 0.63
C LYS B 105 -26.94 -10.40 0.96
N ASN B 106 -25.77 -10.69 0.42
CA ASN B 106 -25.20 -12.04 0.49
C ASN B 106 -23.99 -12.08 1.40
N LYS B 107 -23.95 -11.16 2.38
CA LYS B 107 -22.84 -10.93 3.28
C LYS B 107 -22.52 -12.10 4.20
N ASN B 108 -23.39 -13.11 4.30
CA ASN B 108 -23.06 -14.30 5.08
C ASN B 108 -22.87 -15.51 4.20
N CYS B 109 -22.87 -15.34 2.87
CA CYS B 109 -22.57 -16.41 1.92
C CYS B 109 -21.37 -16.09 1.04
N ILE B 110 -20.61 -15.05 1.37
CA ILE B 110 -19.49 -14.59 0.58
C ILE B 110 -18.23 -14.75 1.44
N ASN B 111 -17.24 -15.51 0.95
CA ASN B 111 -16.06 -15.79 1.76
C ASN B 111 -14.83 -15.11 1.17
N ILE B 112 -13.68 -15.32 1.81
CA ILE B 112 -12.49 -14.55 1.45
C ILE B 112 -12.03 -14.85 0.03
N LEU B 113 -12.25 -16.06 -0.47
CA LEU B 113 -11.85 -16.39 -1.83
C LEU B 113 -12.68 -15.64 -2.87
N TRP B 114 -14.00 -15.56 -2.62
CA TRP B 114 -14.87 -14.76 -3.48
C TRP B 114 -14.37 -13.33 -3.55
N LYS B 115 -14.14 -12.72 -2.39
CA LYS B 115 -13.62 -11.36 -2.32
C LYS B 115 -12.28 -11.21 -3.05
N LEU B 116 -11.39 -12.15 -2.81
CA LEU B 116 -10.09 -12.11 -3.50
C LEU B 116 -10.25 -12.14 -5.00
N GLU B 117 -11.17 -12.96 -5.49
CA GLU B 117 -11.27 -13.09 -6.93
C GLU B 117 -11.86 -11.83 -7.52
N VAL B 118 -12.85 -11.22 -6.84
CA VAL B 118 -13.38 -9.96 -7.33
C VAL B 118 -12.34 -8.85 -7.28
N ALA B 119 -11.54 -8.77 -6.18
CA ALA B 119 -10.49 -7.78 -6.09
C ALA B 119 -9.47 -7.95 -7.22
N LYS B 120 -9.15 -9.18 -7.53
CA LYS B 120 -8.22 -9.42 -8.66
C LYS B 120 -8.76 -8.94 -10.00
N GLN B 121 -10.04 -9.20 -10.25
CA GLN B 121 -10.66 -8.73 -11.48
C GLN B 121 -10.69 -7.21 -11.54
N LEU B 122 -11.07 -6.54 -10.42
CA LEU B 122 -11.05 -5.08 -10.36
C LEU B 122 -9.64 -4.56 -10.61
N ALA B 123 -8.65 -5.18 -10.01
CA ALA B 123 -7.25 -4.74 -10.23
C ALA B 123 -6.80 -5.03 -11.68
N ALA B 124 -7.30 -6.09 -12.26
CA ALA B 124 -7.03 -6.36 -13.70
C ALA B 124 -7.57 -5.24 -14.57
N ALA B 125 -8.81 -4.80 -14.29
CA ALA B 125 -9.35 -3.69 -15.01
C ALA B 125 -8.58 -2.44 -14.84
N MET B 126 -8.16 -2.12 -13.58
CA MET B 126 -7.49 -0.86 -13.35
C MET B 126 -6.05 -0.89 -13.86
N HIS B 127 -5.49 -2.07 -13.91
CA HIS B 127 -4.14 -2.20 -14.56
C HIS B 127 -4.24 -1.89 -16.06
N PHE B 128 -5.32 -2.36 -16.70
CA PHE B 128 -5.56 -2.04 -18.12
C PHE B 128 -5.73 -0.58 -18.29
N LEU B 129 -6.49 0.06 -17.36
CA LEU B 129 -6.71 1.50 -17.53
C LEU B 129 -5.41 2.26 -17.30
N GLU B 130 -4.63 1.81 -16.34
CA GLU B 130 -3.34 2.45 -16.03
C GLU B 130 -2.37 2.34 -17.23
N GLU B 131 -2.33 1.19 -17.85
CA GLU B 131 -1.50 1.02 -19.03
C GLU B 131 -1.92 1.92 -20.17
N ASN B 132 -3.19 2.23 -20.25
CA ASN B 132 -3.71 3.18 -21.24
C ASN B 132 -3.67 4.63 -20.80
N THR B 133 -3.12 4.92 -19.60
CA THR B 133 -3.11 6.26 -19.01
C THR B 133 -4.50 6.87 -19.00
N LEU B 134 -5.48 6.08 -18.64
CA LEU B 134 -6.87 6.57 -18.60
C LEU B 134 -7.29 6.64 -17.12
N ILE B 135 -7.74 7.77 -16.73
CA ILE B 135 -8.17 7.96 -15.34
C ILE B 135 -9.66 7.72 -15.25
N HIS B 136 -10.09 6.85 -14.34
CA HIS B 136 -11.51 6.60 -14.10
C HIS B 136 -12.12 7.67 -13.21
N GLY B 137 -11.68 7.71 -11.96
CA GLY B 137 -12.02 8.80 -11.08
C GLY B 137 -13.28 8.64 -10.31
N ASN B 138 -13.91 7.48 -10.40
CA ASN B 138 -15.02 7.19 -9.53
C ASN B 138 -15.13 5.70 -9.23
N VAL B 139 -14.01 5.08 -8.90
CA VAL B 139 -13.99 3.68 -8.50
C VAL B 139 -14.67 3.51 -7.15
N CYS B 140 -15.70 2.67 -7.09
CA CYS B 140 -16.43 2.40 -5.86
C CYS B 140 -17.30 1.17 -6.12
N ALA B 141 -17.74 0.55 -5.03
CA ALA B 141 -18.45 -0.71 -5.19
C ALA B 141 -19.79 -0.51 -5.90
N LYS B 142 -20.44 0.66 -5.70
CA LYS B 142 -21.68 0.94 -6.43
C LYS B 142 -21.51 0.77 -7.92
N ASN B 143 -20.34 1.18 -8.43
CA ASN B 143 -20.07 1.24 -9.87
C ASN B 143 -19.46 -0.05 -10.40
N ILE B 144 -19.39 -1.12 -9.58
CA ILE B 144 -18.95 -2.42 -10.02
C ILE B 144 -20.20 -3.28 -10.14
N LEU B 145 -20.37 -3.92 -11.29
CA LEU B 145 -21.57 -4.72 -11.56
C LEU B 145 -21.22 -6.20 -11.68
N LEU B 146 -22.13 -7.06 -11.16
CA LEU B 146 -21.90 -8.50 -11.18
C LEU B 146 -22.63 -9.14 -12.38
N ILE B 147 -21.83 -9.58 -13.36
CA ILE B 147 -22.32 -10.27 -14.56
C ILE B 147 -22.93 -11.63 -14.17
N SER B 148 -22.25 -12.35 -13.30
CA SER B 148 -22.56 -13.75 -13.05
C SER B 148 -22.10 -14.10 -11.66
N GLU B 149 -22.88 -14.95 -11.01
CA GLU B 149 -22.58 -15.34 -9.64
C GLU B 149 -21.56 -16.46 -9.67
N GLU B 150 -20.95 -16.68 -8.53
CA GLU B 150 -20.11 -17.86 -8.34
C GLU B 150 -20.92 -19.10 -8.64
N ASP B 151 -20.35 -20.01 -9.35
CA ASP B 151 -20.96 -21.31 -9.65
C ASP B 151 -19.82 -22.33 -9.48
N ARG B 152 -19.65 -22.84 -8.25
CA ARG B 152 -18.58 -23.79 -7.97
C ARG B 152 -18.75 -25.08 -8.77
N LYS B 153 -20.00 -25.46 -9.09
CA LYS B 153 -20.28 -26.71 -9.79
C LYS B 153 -19.69 -26.71 -11.20
N THR B 154 -19.54 -25.53 -11.80
CA THR B 154 -18.92 -25.40 -13.09
C THR B 154 -17.54 -24.78 -13.03
N GLY B 155 -17.03 -24.44 -11.84
CA GLY B 155 -15.73 -23.80 -11.72
C GLY B 155 -15.66 -22.34 -12.13
N ASN B 156 -16.81 -21.70 -12.37
CA ASN B 156 -16.86 -20.27 -12.68
C ASN B 156 -16.82 -19.43 -11.40
N PRO B 157 -15.79 -18.64 -11.20
CA PRO B 157 -15.84 -17.61 -10.15
C PRO B 157 -16.89 -16.57 -10.49
N PRO B 158 -17.22 -15.67 -9.54
CA PRO B 158 -18.05 -14.50 -9.89
C PRO B 158 -17.31 -13.63 -10.88
N PHE B 159 -18.07 -12.84 -11.68
CA PHE B 159 -17.45 -12.11 -12.78
C PHE B 159 -18.06 -10.70 -12.71
N ILE B 160 -17.22 -9.66 -12.72
CA ILE B 160 -17.64 -8.29 -12.50
C ILE B 160 -17.21 -7.47 -13.68
N LYS B 161 -17.85 -6.37 -13.84
CA LYS B 161 -17.44 -5.31 -14.75
C LYS B 161 -17.54 -3.98 -14.04
N LEU B 162 -16.75 -3.05 -14.51
CA LEU B 162 -16.69 -1.70 -13.96
C LEU B 162 -17.42 -0.75 -14.91
N SER B 163 -18.41 0.04 -14.37
CA SER B 163 -19.14 1.03 -15.15
C SER B 163 -18.42 2.37 -15.23
N ASP B 164 -18.94 3.28 -16.04
CA ASP B 164 -18.27 4.56 -16.25
C ASP B 164 -18.39 5.46 -15.02
N PRO B 165 -17.47 6.40 -14.89
CA PRO B 165 -17.37 7.20 -13.67
C PRO B 165 -18.42 8.26 -13.50
N GLY B 166 -19.20 8.51 -14.50
CA GLY B 166 -20.15 9.61 -14.38
C GLY B 166 -19.44 10.97 -14.42
N ILE B 167 -20.18 11.98 -14.00
CA ILE B 167 -19.67 13.35 -14.12
C ILE B 167 -18.39 13.48 -13.32
N SER B 168 -17.39 14.13 -13.90
CA SER B 168 -16.05 14.20 -13.31
C SER B 168 -16.02 15.04 -12.04
N ILE B 169 -15.24 14.59 -11.03
CA ILE B 169 -15.08 15.41 -9.83
C ILE B 169 -14.39 16.76 -10.13
N THR B 170 -13.75 16.88 -11.27
CA THR B 170 -13.15 18.15 -11.67
C THR B 170 -14.16 19.25 -11.91
N VAL B 171 -15.45 18.91 -12.03
CA VAL B 171 -16.47 19.90 -12.33
C VAL B 171 -17.62 19.85 -11.35
N LEU B 172 -17.61 18.92 -10.36
CA LEU B 172 -18.66 18.85 -9.38
C LEU B 172 -18.49 19.87 -8.26
N PRO B 173 -19.60 20.24 -7.61
CA PRO B 173 -19.50 21.15 -6.47
C PRO B 173 -18.76 20.48 -5.33
N LYS B 174 -18.12 21.34 -4.51
CA LYS B 174 -17.33 20.84 -3.39
C LYS B 174 -18.14 20.02 -2.42
N ASP B 175 -19.43 20.34 -2.17
CA ASP B 175 -20.18 19.52 -1.23
C ASP B 175 -20.32 18.06 -1.72
N ILE B 176 -20.51 17.86 -3.02
CA ILE B 176 -20.61 16.47 -3.48
C ILE B 176 -19.26 15.77 -3.27
N LEU B 177 -18.18 16.48 -3.49
CA LEU B 177 -16.88 15.79 -3.36
C LEU B 177 -16.62 15.43 -1.91
N GLN B 178 -17.03 16.32 -0.97
CA GLN B 178 -16.85 16.00 0.45
C GLN B 178 -17.67 14.80 0.83
N GLU B 179 -18.89 14.69 0.27
CA GLU B 179 -19.76 13.58 0.59
C GLU B 179 -19.17 12.29 0.13
N ARG B 180 -18.35 12.35 -0.91
CA ARG B 180 -17.64 11.22 -1.51
C ARG B 180 -16.32 10.85 -0.84
N ILE B 181 -15.93 11.55 0.22
CA ILE B 181 -14.86 11.06 1.08
C ILE B 181 -15.38 9.78 1.71
N PRO B 182 -14.64 8.72 1.76
CA PRO B 182 -13.17 8.60 1.49
C PRO B 182 -12.87 7.97 0.16
N TRP B 183 -13.74 7.98 -0.86
CA TRP B 183 -13.41 7.52 -2.19
C TRP B 183 -12.58 8.58 -2.92
N VAL B 184 -12.99 9.85 -2.78
CA VAL B 184 -12.23 10.97 -3.33
C VAL B 184 -11.02 11.15 -2.41
N PRO B 185 -9.82 11.10 -2.96
CA PRO B 185 -8.64 11.17 -2.13
C PRO B 185 -8.35 12.58 -1.66
N PRO B 186 -7.48 12.70 -0.66
CA PRO B 186 -7.27 13.98 0.00
C PRO B 186 -6.77 15.07 -0.92
N GLU B 187 -5.91 14.73 -1.88
CA GLU B 187 -5.37 15.78 -2.76
C GLU B 187 -6.45 16.36 -3.66
N CYS B 188 -7.48 15.57 -3.98
CA CYS B 188 -8.57 16.11 -4.82
C CYS B 188 -9.57 16.92 -3.99
N ILE B 189 -9.68 16.67 -2.69
CA ILE B 189 -10.41 17.60 -1.80
C ILE B 189 -9.68 18.93 -1.69
N GLU B 190 -8.35 18.89 -1.58
CA GLU B 190 -7.57 20.13 -1.60
C GLU B 190 -7.80 20.89 -2.90
N ASN B 191 -7.79 20.20 -4.01
CA ASN B 191 -7.90 20.81 -5.33
C ASN B 191 -8.30 19.74 -6.35
N PRO B 192 -9.48 19.85 -6.96
CA PRO B 192 -9.92 18.81 -7.90
C PRO B 192 -9.07 18.70 -9.13
N LYS B 193 -8.24 19.70 -9.41
CA LYS B 193 -7.32 19.58 -10.54
C LYS B 193 -6.27 18.50 -10.28
N ASN B 194 -6.09 18.06 -9.03
CA ASN B 194 -5.13 17.02 -8.68
C ASN B 194 -5.58 15.61 -9.08
N LEU B 195 -6.77 15.50 -9.70
CA LEU B 195 -7.19 14.24 -10.30
C LEU B 195 -6.12 13.70 -11.23
N ASN B 196 -5.74 12.44 -11.01
CA ASN B 196 -4.51 11.84 -11.53
C ASN B 196 -4.75 10.33 -11.54
N LEU B 197 -3.87 9.60 -12.22
CA LEU B 197 -3.91 8.15 -12.08
C LEU B 197 -3.82 7.73 -10.62
N ALA B 198 -2.99 8.43 -9.86
CA ALA B 198 -2.86 8.13 -8.44
C ALA B 198 -4.22 8.16 -7.74
N THR B 199 -5.18 8.92 -8.27
CA THR B 199 -6.53 8.99 -7.65
C THR B 199 -7.17 7.62 -7.59
N ASP B 200 -7.04 6.82 -8.68
CA ASP B 200 -7.73 5.54 -8.71
C ASP B 200 -7.12 4.52 -7.78
N LYS B 201 -5.85 4.65 -7.48
CA LYS B 201 -5.24 3.72 -6.53
C LYS B 201 -5.81 3.93 -5.12
N TRP B 202 -6.03 5.17 -4.76
CA TRP B 202 -6.64 5.50 -3.47
C TRP B 202 -8.09 4.96 -3.42
N SER B 203 -8.87 5.25 -4.47
CA SER B 203 -10.28 4.79 -4.46
C SER B 203 -10.37 3.27 -4.54
N PHE B 204 -9.45 2.61 -5.29
CA PHE B 204 -9.40 1.18 -5.21
C PHE B 204 -9.24 0.64 -3.84
N GLY B 205 -8.42 1.27 -2.99
CA GLY B 205 -8.31 0.80 -1.61
C GLY B 205 -9.62 0.97 -0.90
N THR B 206 -10.27 2.09 -1.14
CA THR B 206 -11.61 2.31 -0.49
C THR B 206 -12.58 1.25 -0.94
N THR B 207 -12.50 0.86 -2.25
CA THR B 207 -13.42 -0.16 -2.76
C THR B 207 -13.11 -1.51 -2.19
N LEU B 208 -11.81 -1.86 -2.06
CA LEU B 208 -11.51 -3.10 -1.34
C LEU B 208 -12.03 -3.10 0.11
N TRP B 209 -12.04 -1.94 0.77
CA TRP B 209 -12.59 -1.88 2.09
C TRP B 209 -14.09 -2.19 2.03
N GLU B 210 -14.77 -1.68 1.01
CA GLU B 210 -16.20 -2.07 0.88
C GLU B 210 -16.36 -3.55 0.62
N ILE B 211 -15.52 -4.14 -0.28
CA ILE B 211 -15.64 -5.56 -0.62
C ILE B 211 -15.48 -6.42 0.62
N CYS B 212 -14.62 -6.00 1.52
CA CYS B 212 -14.34 -6.72 2.75
C CYS B 212 -15.28 -6.36 3.88
N SER B 213 -16.21 -5.42 3.68
CA SER B 213 -17.04 -4.96 4.79
C SER B 213 -18.52 -5.19 4.57
N GLY B 214 -18.87 -6.15 3.73
CA GLY B 214 -20.25 -6.55 3.57
C GLY B 214 -21.09 -5.45 3.01
N GLY B 215 -20.49 -4.53 2.24
CA GLY B 215 -21.26 -3.39 1.75
C GLY B 215 -21.57 -2.29 2.74
N ASP B 216 -20.91 -2.26 3.90
CA ASP B 216 -20.84 -1.05 4.69
C ASP B 216 -20.18 0.05 3.84
N LYS B 217 -20.59 1.25 4.10
CA LYS B 217 -19.97 2.42 3.50
C LYS B 217 -19.01 3.02 4.49
N PRO B 218 -17.74 3.13 4.16
CA PRO B 218 -16.84 3.71 5.12
C PRO B 218 -17.16 5.14 5.46
N LEU B 219 -17.01 5.42 6.76
CA LEU B 219 -17.19 6.70 7.31
C LEU B 219 -18.63 7.21 7.19
N SER B 220 -19.59 6.31 6.95
CA SER B 220 -20.94 6.83 6.68
C SER B 220 -21.50 7.58 7.89
N ALA B 221 -21.00 7.25 9.08
CA ALA B 221 -21.40 7.96 10.29
C ALA B 221 -20.90 9.36 10.35
N LEU B 222 -19.97 9.79 9.52
CA LEU B 222 -19.39 11.14 9.56
C LEU B 222 -20.09 12.05 8.57
N ASP B 223 -20.57 13.18 9.06
CA ASP B 223 -21.08 14.22 8.17
C ASP B 223 -19.91 14.84 7.41
N SER B 224 -20.20 15.70 6.44
CA SER B 224 -19.17 16.19 5.54
C SER B 224 -18.05 16.95 6.27
N GLN B 225 -18.38 17.73 7.31
CA GLN B 225 -17.31 18.40 8.08
C GLN B 225 -16.45 17.41 8.83
N ARG B 226 -17.04 16.37 9.41
CA ARG B 226 -16.18 15.42 10.04
C ARG B 226 -15.33 14.66 9.02
N LYS B 227 -15.87 14.40 7.84
CA LYS B 227 -15.09 13.72 6.81
CA LYS B 227 -15.10 13.72 6.81
C LYS B 227 -13.89 14.57 6.42
N LEU B 228 -14.08 15.89 6.30
CA LEU B 228 -12.92 16.77 6.11
C LEU B 228 -11.92 16.63 7.25
N GLN B 229 -12.38 16.68 8.50
CA GLN B 229 -11.44 16.53 9.62
C GLN B 229 -10.70 15.19 9.55
N PHE B 230 -11.38 14.14 9.09
CA PHE B 230 -10.73 12.84 8.98
C PHE B 230 -9.52 12.90 8.11
N TYR B 231 -9.61 13.59 6.96
CA TYR B 231 -8.40 13.77 6.17
C TYR B 231 -7.45 14.76 6.83
N GLU B 232 -7.96 15.78 7.54
CA GLU B 232 -7.07 16.76 8.17
C GLU B 232 -6.18 16.09 9.21
N ASP B 233 -6.72 15.11 9.93
CA ASP B 233 -5.96 14.42 10.93
C ASP B 233 -5.23 13.19 10.40
N ARG B 234 -5.28 12.96 9.05
CA ARG B 234 -4.52 11.88 8.37
C ARG B 234 -4.86 10.51 8.94
N HIS B 235 -6.13 10.32 9.19
CA HIS B 235 -6.62 9.01 9.65
C HIS B 235 -6.67 8.03 8.47
N GLN B 236 -6.67 6.75 8.83
CA GLN B 236 -6.92 5.69 7.89
C GLN B 236 -8.22 4.99 8.30
N LEU B 237 -8.75 4.19 7.39
CA LEU B 237 -9.96 3.44 7.63
C LEU B 237 -9.62 2.32 8.63
N PRO B 238 -10.57 1.96 9.48
CA PRO B 238 -10.40 0.76 10.30
C PRO B 238 -10.16 -0.47 9.45
N ALA B 239 -9.45 -1.45 10.03
CA ALA B 239 -9.23 -2.72 9.37
C ALA B 239 -10.57 -3.45 9.29
N PRO B 240 -10.92 -4.03 8.14
CA PRO B 240 -12.19 -4.78 8.07
C PRO B 240 -12.13 -5.99 9.00
N LYS B 241 -13.28 -6.36 9.57
CA LYS B 241 -13.29 -7.48 10.52
C LYS B 241 -12.58 -8.69 9.90
N ALA B 242 -12.92 -9.01 8.65
CA ALA B 242 -12.10 -9.91 7.82
C ALA B 242 -10.95 -9.10 7.25
N ALA B 243 -9.76 -9.25 7.85
CA ALA B 243 -8.68 -8.29 7.69
C ALA B 243 -7.63 -8.72 6.67
N GLU B 244 -7.88 -9.76 5.90
CA GLU B 244 -6.88 -10.27 4.98
C GLU B 244 -6.26 -9.19 4.07
N LEU B 245 -7.10 -8.27 3.59
CA LEU B 245 -6.69 -7.23 2.67
C LEU B 245 -6.44 -5.88 3.36
N ALA B 246 -6.44 -5.84 4.70
CA ALA B 246 -6.20 -4.61 5.45
C ALA B 246 -4.91 -3.93 5.04
N ASN B 247 -3.79 -4.69 5.02
CA ASN B 247 -2.52 -4.06 4.58
C ASN B 247 -2.64 -3.48 3.18
N LEU B 248 -3.24 -4.21 2.24
CA LEU B 248 -3.35 -3.68 0.88
C LEU B 248 -4.18 -2.39 0.85
N ILE B 249 -5.32 -2.40 1.55
CA ILE B 249 -6.15 -1.20 1.65
C ILE B 249 -5.33 0.01 2.11
N ASN B 250 -4.60 -0.15 3.23
CA ASN B 250 -3.82 0.97 3.74
C ASN B 250 -2.67 1.35 2.83
N ASN B 251 -2.01 0.37 2.14
CA ASN B 251 -0.97 0.75 1.23
C ASN B 251 -1.51 1.52 0.05
N CYS B 252 -2.75 1.18 -0.37
CA CYS B 252 -3.34 1.91 -1.46
C CYS B 252 -3.82 3.30 -1.05
N MET B 253 -4.40 3.41 0.16
CA MET B 253 -4.88 4.68 0.67
C MET B 253 -3.72 5.44 1.33
N ASP B 254 -2.74 5.78 0.49
CA ASP B 254 -1.56 6.47 0.98
C ASP B 254 -1.77 7.96 0.79
N TYR B 255 -1.65 8.71 1.86
CA TYR B 255 -1.78 10.15 1.73
C TYR B 255 -0.81 10.78 0.80
N GLU B 256 0.35 10.10 0.47
CA GLU B 256 1.24 10.64 -0.54
C GLU B 256 0.91 9.96 -1.85
N PRO B 257 0.35 10.67 -2.85
CA PRO B 257 -0.12 9.98 -4.06
C PRO B 257 1.01 9.31 -4.86
N ASP B 258 2.22 9.91 -4.87
CA ASP B 258 3.36 9.32 -5.56
C ASP B 258 3.77 7.96 -4.99
N HIS B 259 3.36 7.63 -3.79
CA HIS B 259 3.78 6.41 -3.11
C HIS B 259 2.81 5.29 -3.22
N ARG B 260 1.66 5.52 -3.82
CA ARG B 260 0.70 4.47 -3.99
C ARG B 260 1.21 3.45 -5.01
N PRO B 261 1.05 2.16 -4.73
CA PRO B 261 1.65 1.11 -5.60
C PRO B 261 1.02 1.07 -6.96
N SER B 262 1.81 0.61 -7.96
CA SER B 262 1.27 0.37 -9.27
C SER B 262 0.23 -0.73 -9.23
N PHE B 263 -0.65 -0.78 -10.24
CA PHE B 263 -1.57 -1.91 -10.29
C PHE B 263 -0.89 -3.25 -10.52
N ARG B 264 0.24 -3.27 -11.24
CA ARG B 264 1.02 -4.50 -11.35
C ARG B 264 1.44 -5.00 -10.00
N ALA B 265 1.95 -4.05 -9.18
CA ALA B 265 2.36 -4.39 -7.82
C ALA B 265 1.17 -4.80 -6.97
N ILE B 266 0.02 -4.15 -7.12
CA ILE B 266 -1.17 -4.57 -6.38
C ILE B 266 -1.56 -5.99 -6.75
N ILE B 267 -1.53 -6.31 -8.05
CA ILE B 267 -1.97 -7.64 -8.48
C ILE B 267 -1.02 -8.70 -7.92
N ARG B 268 0.27 -8.41 -7.93
CA ARG B 268 1.26 -9.31 -7.33
C ARG B 268 0.99 -9.55 -5.85
N ASP B 269 0.70 -8.48 -5.08
CA ASP B 269 0.27 -8.70 -3.70
C ASP B 269 -0.99 -9.57 -3.64
N LEU B 270 -1.96 -9.29 -4.51
CA LEU B 270 -3.19 -10.08 -4.39
C LEU B 270 -2.92 -11.58 -4.66
N ASN B 271 -2.09 -11.89 -5.67
CA ASN B 271 -1.77 -13.26 -5.93
C ASN B 271 -0.90 -13.86 -4.82
N SER B 272 -0.18 -13.02 -4.07
CA SER B 272 0.61 -13.47 -2.93
C SER B 272 -0.22 -14.16 -1.85
N LEU B 273 -1.51 -13.90 -1.78
CA LEU B 273 -2.32 -14.46 -0.70
C LEU B 273 -2.84 -15.89 -1.01
#